data_8I12
#
_entry.id   8I12
#
_cell.length_a   61.630
_cell.length_b   79.220
_cell.length_c   94.570
_cell.angle_alpha   90.000
_cell.angle_beta   90.000
_cell.angle_gamma   90.000
#
_symmetry.space_group_name_H-M   'P 21 21 21'
#
loop_
_entity.id
_entity.type
_entity.pdbx_description
1 polymer 'Glycosyl hydrolase family 32 exo-inulinase'
2 non-polymer DI(HYDROXYETHYL)ETHER
3 non-polymer GLYCEROL
4 water water
#
_entity_poly.entity_id   1
_entity_poly.type   'polypeptide(L)'
_entity_poly.pdbx_seq_one_letter_code
;MRGSHHHHHHGMASELALMNSLTTAAGATLAATDQYRPAFHYTAERNWLNDPNGLVYLNGTYHLFYQHNPFGADWGNMSW
GHATSRDLLHWDEQPVAIPCDEHEAIFSGSAVFDQHNTSGLGTAANPPLVAIYTSAYSDAAPLPGRQAQSLAYSLDEGRT
WTKYHGNPVLDRASADFRDPKVFWYDGGAGSYWVMVAVEAVQRQVVLYKSADLKAWEHLSTFGPANATGGVWECPDLFEL
PVDGNPEDNRWVLIVNINPGGIAGGSAGQYFVGEFDGVAFHSGSTVTEGLQKDSSRMREYGWLDWGRDYYAAVSFSNVPD
GRRIMIGWMNNWDYARETPTGGWRSAMSLPREVSLTRVDGKVMLRQQAIDPLPERETGHVRLGPQPLASGVLDVPAAASV
ARIDVELEPGAAAGVGLVLRAGDDERTVLRYDTSDGMLRLDRRESGQVAFHETFPSIEAMAVPLQGGRLRLRVYLDRCSV
EVFAQDGLATLTDLVFPGEASTGLAIFAEGEGAHLVVLDVVGR
;
_entity_poly.pdbx_strand_id   A
#
loop_
_chem_comp.id
_chem_comp.type
_chem_comp.name
_chem_comp.formula
GOL non-polymer GLYCEROL 'C3 H8 O3'
PEG non-polymer DI(HYDROXYETHYL)ETHER 'C4 H10 O3'
#
# COMPACT_ATOMS: atom_id res chain seq x y z
N ASP A 34 1.12 -21.68 -13.92
CA ASP A 34 0.79 -20.45 -13.16
C ASP A 34 1.19 -20.59 -11.70
N GLN A 35 2.46 -20.92 -11.51
CA GLN A 35 2.95 -21.27 -10.18
C GLN A 35 2.98 -20.11 -9.20
N TYR A 36 2.96 -18.86 -9.67
CA TYR A 36 3.08 -17.72 -8.77
C TYR A 36 1.74 -17.05 -8.54
N ARG A 37 0.64 -17.58 -9.06
CA ARG A 37 -0.68 -16.96 -8.87
C ARG A 37 -0.96 -16.87 -7.38
N PRO A 38 -1.19 -15.67 -6.81
CA PRO A 38 -1.46 -15.61 -5.36
C PRO A 38 -2.81 -16.23 -5.05
N ALA A 39 -2.85 -16.97 -3.94
CA ALA A 39 -4.12 -17.56 -3.46
C ALA A 39 -4.97 -16.55 -2.69
N PHE A 40 -4.36 -15.51 -2.11
CA PHE A 40 -5.16 -14.59 -1.31
C PHE A 40 -4.72 -13.15 -1.45
N HIS A 41 -4.09 -12.82 -2.58
CA HIS A 41 -3.86 -11.43 -2.98
C HIS A 41 -4.51 -11.24 -4.34
N TYR A 42 -5.04 -10.03 -4.59
CA TYR A 42 -5.70 -9.78 -5.86
C TYR A 42 -4.74 -9.70 -7.03
N THR A 43 -5.08 -10.41 -8.12
CA THR A 43 -4.46 -10.21 -9.43
C THR A 43 -5.58 -10.17 -10.46
N ALA A 44 -5.31 -9.54 -11.60
CA ALA A 44 -6.21 -9.69 -12.75
C ALA A 44 -5.96 -11.06 -13.39
N GLU A 45 -7.02 -11.63 -13.98
CA GLU A 45 -6.84 -12.92 -14.65
C GLU A 45 -5.73 -12.87 -15.69
N ARG A 46 -5.68 -11.80 -16.49
CA ARG A 46 -4.60 -11.56 -17.42
C ARG A 46 -4.19 -10.10 -17.28
N ASN A 47 -2.97 -9.82 -17.73
CA ASN A 47 -2.49 -8.47 -18.05
C ASN A 47 -1.91 -7.75 -16.84
N TRP A 48 -1.42 -6.53 -17.07
CA TRP A 48 -0.65 -5.75 -16.10
C TRP A 48 -1.57 -4.94 -15.20
N LEU A 49 -1.21 -4.87 -13.91
CA LEU A 49 -1.77 -3.87 -13.03
C LEU A 49 -0.66 -3.11 -12.31
N ASN A 50 -1.01 -1.91 -11.85
CA ASN A 50 -0.17 -1.17 -10.89
C ASN A 50 -1.07 -0.48 -9.84
N ASP A 51 -0.91 0.83 -9.62
CA ASP A 51 -1.47 1.54 -8.45
C ASP A 51 -2.93 1.17 -8.19
N PRO A 52 -3.31 0.94 -6.93
CA PRO A 52 -4.74 0.92 -6.59
C PRO A 52 -5.35 2.30 -6.78
N ASN A 53 -6.59 2.32 -7.22
CA ASN A 53 -7.29 3.57 -7.50
C ASN A 53 -8.72 3.49 -7.04
N GLY A 54 -9.32 4.65 -6.78
CA GLY A 54 -10.78 4.72 -6.68
C GLY A 54 -11.37 3.96 -5.52
N LEU A 55 -10.60 3.68 -4.48
CA LEU A 55 -11.04 2.75 -3.44
C LEU A 55 -12.23 3.37 -2.73
N VAL A 56 -13.36 2.67 -2.70
CA VAL A 56 -14.57 3.26 -2.14
C VAL A 56 -15.49 2.12 -1.70
N TYR A 57 -16.21 2.35 -0.60
CA TYR A 57 -17.26 1.46 -0.15
C TYR A 57 -18.61 2.09 -0.45
N LEU A 58 -19.54 1.28 -0.92
CA LEU A 58 -20.89 1.80 -1.19
C LEU A 58 -21.88 0.67 -1.03
N ASN A 59 -22.83 0.83 -0.10
N ASN A 59 -22.80 0.83 -0.06
CA ASN A 59 -23.99 -0.07 -0.04
CA ASN A 59 -23.94 -0.07 0.12
C ASN A 59 -23.57 -1.53 0.20
C ASN A 59 -23.52 -1.52 0.20
N GLY A 60 -22.51 -1.77 1.01
CA GLY A 60 -22.06 -3.10 1.32
C GLY A 60 -20.96 -3.62 0.44
N THR A 61 -20.64 -2.92 -0.64
CA THR A 61 -19.61 -3.40 -1.58
C THR A 61 -18.38 -2.53 -1.50
N TYR A 62 -17.23 -3.18 -1.37
CA TYR A 62 -15.92 -2.51 -1.53
C TYR A 62 -15.50 -2.56 -2.99
N HIS A 63 -15.14 -1.41 -3.53
CA HIS A 63 -14.67 -1.29 -4.91
C HIS A 63 -13.18 -1.04 -4.92
N LEU A 64 -12.45 -1.92 -5.61
CA LEU A 64 -11.02 -1.80 -5.87
C LEU A 64 -10.89 -1.44 -7.35
N PHE A 65 -10.37 -0.27 -7.67
CA PHE A 65 -9.98 -0.01 -9.05
C PHE A 65 -8.46 -0.03 -9.09
N TYR A 66 -7.89 0.02 -10.29
CA TYR A 66 -6.43 -0.05 -10.38
C TYR A 66 -5.97 0.31 -11.76
N GLN A 67 -4.77 0.88 -11.80
CA GLN A 67 -4.08 1.07 -13.09
C GLN A 67 -3.95 -0.27 -13.79
N HIS A 68 -4.37 -0.33 -15.04
CA HIS A 68 -4.48 -1.63 -15.73
C HIS A 68 -4.18 -1.41 -17.21
N ASN A 69 -3.44 -2.36 -17.81
CA ASN A 69 -3.37 -2.46 -19.26
C ASN A 69 -4.31 -3.57 -19.69
N PRO A 70 -5.50 -3.27 -20.25
CA PRO A 70 -6.42 -4.36 -20.64
C PRO A 70 -5.95 -5.13 -21.84
N PHE A 71 -4.85 -4.71 -22.47
CA PHE A 71 -4.44 -5.22 -23.78
C PHE A 71 -3.06 -5.84 -23.74
N GLY A 72 -2.47 -6.04 -22.56
CA GLY A 72 -1.19 -6.73 -22.52
C GLY A 72 -0.61 -6.72 -21.13
N ALA A 73 0.53 -7.38 -20.99
CA ALA A 73 1.18 -7.63 -19.70
C ALA A 73 2.27 -6.63 -19.39
N ASP A 74 2.48 -5.63 -20.23
CA ASP A 74 3.38 -4.53 -19.94
C ASP A 74 2.60 -3.28 -19.58
N TRP A 75 3.30 -2.21 -19.15
N TRP A 75 3.28 -2.30 -19.02
CA TRP A 75 2.68 -0.94 -18.72
CA TRP A 75 2.62 -1.05 -18.76
C TRP A 75 2.30 -0.08 -19.92
C TRP A 75 2.23 -0.44 -20.10
N GLY A 76 1.01 0.07 -20.17
CA GLY A 76 0.55 0.82 -21.32
C GLY A 76 -0.97 0.86 -21.31
N ASN A 77 -1.53 1.73 -22.16
CA ASN A 77 -2.98 1.80 -22.35
C ASN A 77 -3.71 1.96 -21.01
N MET A 78 -3.20 2.85 -20.13
CA MET A 78 -3.73 2.88 -18.78
C MET A 78 -5.22 3.12 -18.76
N SER A 79 -5.91 2.23 -18.04
CA SER A 79 -7.34 2.24 -17.86
C SER A 79 -7.59 1.84 -16.41
N TRP A 80 -8.75 2.23 -15.84
CA TRP A 80 -9.09 1.74 -14.49
C TRP A 80 -9.74 0.38 -14.59
N GLY A 81 -9.00 -0.66 -14.19
CA GLY A 81 -9.58 -1.94 -13.88
C GLY A 81 -10.47 -1.82 -12.66
N HIS A 82 -11.26 -2.87 -12.40
CA HIS A 82 -12.26 -2.80 -11.32
C HIS A 82 -12.50 -4.20 -10.80
N ALA A 83 -12.55 -4.34 -9.47
CA ALA A 83 -13.00 -5.57 -8.81
C ALA A 83 -13.87 -5.18 -7.62
N THR A 84 -14.76 -6.09 -7.19
CA THR A 84 -15.65 -5.81 -6.09
C THR A 84 -15.60 -6.95 -5.08
N SER A 85 -15.84 -6.60 -3.81
N SER A 85 -15.89 -6.61 -3.82
CA SER A 85 -15.97 -7.61 -2.77
CA SER A 85 -15.87 -7.58 -2.72
C SER A 85 -16.91 -7.12 -1.69
C SER A 85 -16.77 -7.11 -1.61
N ARG A 86 -17.34 -8.06 -0.85
CA ARG A 86 -18.08 -7.69 0.35
C ARG A 86 -17.21 -7.71 1.58
N ASP A 87 -16.00 -8.25 1.50
CA ASP A 87 -15.20 -8.51 2.69
C ASP A 87 -13.73 -8.09 2.56
N LEU A 88 -13.33 -7.44 1.45
CA LEU A 88 -11.97 -6.96 1.20
C LEU A 88 -11.02 -8.08 0.89
N LEU A 89 -11.52 -9.31 0.72
CA LEU A 89 -10.66 -10.49 0.63
C LEU A 89 -11.00 -11.39 -0.54
N HIS A 90 -12.29 -11.55 -0.85
CA HIS A 90 -12.72 -12.38 -1.99
C HIS A 90 -13.28 -11.45 -3.04
N TRP A 91 -12.55 -11.28 -4.13
CA TRP A 91 -12.85 -10.24 -5.13
C TRP A 91 -13.42 -10.87 -6.39
N ASP A 92 -14.34 -10.16 -7.01
CA ASP A 92 -14.85 -10.50 -8.35
C ASP A 92 -14.34 -9.45 -9.33
N GLU A 93 -13.48 -9.86 -10.25
CA GLU A 93 -12.94 -8.99 -11.28
C GLU A 93 -14.07 -8.58 -12.23
N GLN A 94 -14.24 -7.27 -12.44
CA GLN A 94 -15.29 -6.68 -13.26
C GLN A 94 -14.73 -6.21 -14.57
N PRO A 95 -15.56 -5.76 -15.50
CA PRO A 95 -15.02 -5.04 -16.66
C PRO A 95 -14.25 -3.79 -16.23
N VAL A 96 -13.40 -3.31 -17.14
CA VAL A 96 -12.79 -1.99 -16.92
C VAL A 96 -13.87 -0.95 -16.66
N ALA A 97 -13.61 -0.08 -15.68
CA ALA A 97 -14.53 1.02 -15.37
C ALA A 97 -14.28 2.21 -16.27
N ILE A 98 -13.03 2.65 -16.44
CA ILE A 98 -12.74 3.89 -17.20
C ILE A 98 -11.68 3.52 -18.23
N PRO A 99 -12.05 3.47 -19.51
CA PRO A 99 -11.09 3.02 -20.54
C PRO A 99 -10.30 4.18 -21.10
N CYS A 100 -9.05 3.87 -21.48
CA CYS A 100 -8.30 4.84 -22.28
C CYS A 100 -8.92 5.01 -23.66
N ASP A 101 -8.55 6.10 -24.32
CA ASP A 101 -8.98 6.28 -25.71
C ASP A 101 -7.86 6.99 -26.45
N GLU A 102 -8.17 7.45 -27.67
CA GLU A 102 -7.16 8.08 -28.49
C GLU A 102 -6.61 9.37 -27.88
N HIS A 103 -7.39 10.02 -27.06
CA HIS A 103 -6.98 11.29 -26.47
C HIS A 103 -6.35 11.18 -25.09
N GLU A 104 -6.73 10.17 -24.30
CA GLU A 104 -6.30 10.13 -22.91
C GLU A 104 -6.04 8.71 -22.45
N ALA A 105 -4.96 8.57 -21.68
CA ALA A 105 -4.80 7.41 -20.82
C ALA A 105 -5.35 7.81 -19.45
N ILE A 106 -5.80 6.80 -18.69
CA ILE A 106 -6.53 7.05 -17.43
C ILE A 106 -5.58 6.70 -16.28
N PHE A 107 -4.87 7.71 -15.79
CA PHE A 107 -3.88 7.56 -14.71
C PHE A 107 -4.60 7.55 -13.36
N SER A 108 -3.84 7.58 -12.26
CA SER A 108 -4.41 7.23 -10.97
C SER A 108 -5.37 8.31 -10.44
N GLY A 109 -6.13 7.93 -9.41
CA GLY A 109 -7.04 8.85 -8.77
C GLY A 109 -7.91 8.10 -7.76
N SER A 110 -8.99 8.73 -7.38
CA SER A 110 -9.80 8.30 -6.24
C SER A 110 -11.27 8.34 -6.61
N ALA A 111 -12.12 7.91 -5.68
CA ALA A 111 -13.56 7.98 -5.90
C ALA A 111 -14.26 8.37 -4.61
N VAL A 112 -15.38 9.05 -4.77
CA VAL A 112 -16.24 9.43 -3.65
C VAL A 112 -17.68 9.09 -3.97
N PHE A 113 -18.45 8.84 -2.92
CA PHE A 113 -19.90 8.73 -3.08
C PHE A 113 -20.46 10.11 -2.84
N ASP A 114 -20.98 10.73 -3.91
CA ASP A 114 -21.51 12.09 -3.81
C ASP A 114 -22.99 12.00 -3.43
N GLN A 115 -23.20 11.67 -2.14
CA GLN A 115 -24.51 11.27 -1.66
C GLN A 115 -25.59 12.32 -1.88
N HIS A 116 -25.23 13.61 -1.83
CA HIS A 116 -26.21 14.68 -2.03
C HIS A 116 -26.13 15.31 -3.40
N ASN A 117 -25.44 14.67 -4.33
CA ASN A 117 -25.42 15.11 -5.71
C ASN A 117 -24.92 16.55 -5.81
N THR A 118 -23.86 16.87 -5.04
CA THR A 118 -23.24 18.19 -5.17
C THR A 118 -22.71 18.43 -6.57
N SER A 119 -22.30 17.36 -7.28
CA SER A 119 -21.73 17.51 -8.61
C SER A 119 -22.80 17.70 -9.68
N GLY A 120 -24.07 17.40 -9.39
CA GLY A 120 -25.09 17.44 -10.42
C GLY A 120 -24.97 16.30 -11.44
N LEU A 121 -24.09 15.32 -11.23
CA LEU A 121 -23.90 14.28 -12.25
C LEU A 121 -24.94 13.17 -12.14
N GLY A 122 -25.63 13.05 -11.00
CA GLY A 122 -26.77 12.15 -10.92
C GLY A 122 -27.99 12.95 -10.52
N THR A 123 -28.82 12.38 -9.66
CA THR A 123 -30.00 13.08 -9.15
C THR A 123 -30.05 12.86 -7.65
N ALA A 124 -30.97 13.56 -6.99
CA ALA A 124 -31.10 13.37 -5.55
C ALA A 124 -31.53 11.95 -5.22
N ALA A 125 -32.41 11.38 -6.05
CA ALA A 125 -32.86 10.02 -5.84
C ALA A 125 -31.82 8.98 -6.23
N ASN A 126 -30.93 9.32 -7.16
CA ASN A 126 -29.92 8.39 -7.68
C ASN A 126 -28.58 9.13 -7.72
N PRO A 127 -27.96 9.31 -6.57
CA PRO A 127 -26.76 10.15 -6.53
C PRO A 127 -25.56 9.43 -7.14
N PRO A 128 -24.60 10.17 -7.65
CA PRO A 128 -23.50 9.53 -8.41
C PRO A 128 -22.35 9.08 -7.52
N LEU A 129 -21.77 7.95 -7.93
CA LEU A 129 -20.41 7.57 -7.51
C LEU A 129 -19.46 8.23 -8.49
N VAL A 130 -18.55 9.06 -7.99
CA VAL A 130 -17.72 9.91 -8.85
C VAL A 130 -16.25 9.49 -8.71
N ALA A 131 -15.61 9.20 -9.84
CA ALA A 131 -14.17 8.98 -9.92
C ALA A 131 -13.51 10.28 -10.34
N ILE A 132 -12.46 10.66 -9.61
CA ILE A 132 -11.64 11.81 -9.94
C ILE A 132 -10.28 11.23 -10.33
N TYR A 133 -9.91 11.37 -11.61
CA TYR A 133 -8.75 10.65 -12.13
C TYR A 133 -7.88 11.60 -12.94
N THR A 134 -6.62 11.23 -13.13
CA THR A 134 -5.73 12.01 -13.99
C THR A 134 -5.87 11.58 -15.44
N SER A 135 -6.31 12.50 -16.30
CA SER A 135 -6.16 12.29 -17.74
C SER A 135 -4.72 12.55 -18.13
N ALA A 136 -4.08 11.59 -18.80
CA ALA A 136 -2.74 11.78 -19.36
C ALA A 136 -2.97 11.92 -20.84
N TYR A 137 -2.92 13.14 -21.33
CA TYR A 137 -3.36 13.41 -22.71
C TYR A 137 -2.28 13.04 -23.71
N SER A 138 -2.70 12.49 -24.83
CA SER A 138 -1.82 12.06 -25.90
C SER A 138 -1.55 13.23 -26.85
N ASP A 139 -0.72 12.99 -27.88
CA ASP A 139 -0.48 14.01 -28.90
C ASP A 139 -1.73 14.35 -29.69
N ALA A 140 -2.72 13.44 -29.73
CA ALA A 140 -3.94 13.68 -30.49
C ALA A 140 -4.95 14.55 -29.76
N ALA A 141 -4.74 14.83 -28.47
CA ALA A 141 -5.72 15.53 -27.67
C ALA A 141 -5.58 17.05 -27.88
N PRO A 142 -6.58 17.82 -27.45
CA PRO A 142 -6.50 19.29 -27.55
C PRO A 142 -5.48 19.90 -26.61
N LEU A 143 -5.14 19.25 -25.51
CA LEU A 143 -4.14 19.72 -24.57
C LEU A 143 -3.08 18.63 -24.46
N PRO A 144 -2.33 18.40 -25.53
CA PRO A 144 -1.39 17.27 -25.54
C PRO A 144 -0.33 17.37 -24.46
N GLY A 145 0.03 16.20 -23.92
CA GLY A 145 1.14 16.08 -22.97
C GLY A 145 0.85 16.50 -21.55
N ARG A 146 -0.33 17.04 -21.28
CA ARG A 146 -0.65 17.40 -19.90
C ARG A 146 -1.15 16.19 -19.12
N GLN A 147 -0.99 16.30 -17.80
CA GLN A 147 -1.71 15.48 -16.84
C GLN A 147 -2.62 16.46 -16.11
N ALA A 148 -3.94 16.21 -16.16
CA ALA A 148 -4.93 17.09 -15.59
C ALA A 148 -6.04 16.25 -15.00
N GLN A 149 -6.85 16.84 -14.12
CA GLN A 149 -7.83 16.04 -13.39
C GLN A 149 -9.19 16.09 -14.07
N SER A 150 -9.84 14.93 -14.10
CA SER A 150 -11.05 14.65 -14.85
C SER A 150 -12.00 13.82 -14.00
N LEU A 151 -13.27 13.81 -14.41
CA LEU A 151 -14.30 13.07 -13.70
C LEU A 151 -14.91 11.97 -14.56
N ALA A 152 -15.27 10.87 -13.92
CA ALA A 152 -16.18 9.89 -14.49
C ALA A 152 -17.20 9.56 -13.41
N TYR A 153 -18.37 9.09 -13.79
CA TYR A 153 -19.40 8.85 -12.78
C TYR A 153 -20.24 7.63 -13.14
N SER A 154 -20.80 7.03 -12.10
CA SER A 154 -21.66 5.87 -12.24
C SER A 154 -22.94 6.09 -11.47
N LEU A 155 -24.07 5.77 -12.10
CA LEU A 155 -25.39 5.89 -11.49
C LEU A 155 -25.95 4.53 -11.11
N ASP A 156 -25.19 3.46 -11.28
CA ASP A 156 -25.67 2.11 -11.00
C ASP A 156 -24.68 1.40 -10.11
N GLU A 157 -24.13 2.14 -9.14
CA GLU A 157 -23.27 1.55 -8.10
C GLU A 157 -22.03 0.87 -8.72
N GLY A 158 -21.49 1.50 -9.77
CA GLY A 158 -20.22 1.11 -10.32
C GLY A 158 -20.28 0.11 -11.45
N ARG A 159 -21.49 -0.29 -11.90
CA ARG A 159 -21.58 -1.23 -13.01
C ARG A 159 -21.20 -0.60 -14.34
N THR A 160 -21.61 0.64 -14.56
CA THR A 160 -21.27 1.36 -15.81
C THR A 160 -20.82 2.78 -15.48
N TRP A 161 -20.02 3.33 -16.36
CA TRP A 161 -19.36 4.62 -16.08
C TRP A 161 -19.44 5.51 -17.31
N THR A 162 -19.49 6.82 -17.08
CA THR A 162 -19.49 7.81 -18.14
C THR A 162 -18.48 8.89 -17.79
N LYS A 163 -17.70 9.32 -18.77
CA LYS A 163 -16.79 10.45 -18.57
C LYS A 163 -17.55 11.76 -18.64
N TYR A 164 -17.22 12.68 -17.74
CA TYR A 164 -17.87 13.98 -17.75
C TYR A 164 -17.50 14.76 -19.02
N HIS A 165 -18.51 15.39 -19.63
CA HIS A 165 -18.25 16.11 -20.89
C HIS A 165 -17.33 17.30 -20.71
N GLY A 166 -17.24 17.86 -19.52
CA GLY A 166 -16.43 19.04 -19.29
C GLY A 166 -14.99 18.73 -18.87
N ASN A 167 -14.51 17.48 -19.03
CA ASN A 167 -13.13 17.19 -18.65
C ASN A 167 -12.16 17.94 -19.56
N PRO A 168 -10.99 18.35 -19.05
CA PRO A 168 -10.58 18.16 -17.65
C PRO A 168 -11.19 19.26 -16.79
N VAL A 169 -11.44 18.92 -15.53
CA VAL A 169 -11.98 19.89 -14.59
C VAL A 169 -10.91 20.72 -13.91
N LEU A 170 -9.66 20.27 -13.88
CA LEU A 170 -8.62 21.06 -13.21
C LEU A 170 -7.29 20.79 -13.90
N ASP A 171 -6.67 21.84 -14.40
CA ASP A 171 -5.46 21.77 -15.21
C ASP A 171 -4.51 22.84 -14.72
N ARG A 172 -3.25 22.46 -14.46
CA ARG A 172 -2.17 23.39 -14.08
C ARG A 172 -1.17 23.59 -15.21
N ALA A 173 -1.49 23.09 -16.43
CA ALA A 173 -0.58 23.15 -17.59
C ALA A 173 0.70 22.38 -17.31
N SER A 174 0.59 21.28 -16.57
CA SER A 174 1.73 20.50 -16.14
C SER A 174 1.67 19.11 -16.74
N ALA A 175 2.84 18.55 -17.05
CA ALA A 175 2.96 17.17 -17.51
C ALA A 175 2.95 16.18 -16.35
N ASP A 176 2.97 16.66 -15.08
CA ASP A 176 3.19 15.79 -13.95
C ASP A 176 2.28 16.08 -12.77
N PHE A 177 1.12 16.70 -13.02
CA PHE A 177 0.11 17.01 -12.00
C PHE A 177 -0.88 15.84 -11.94
N ARG A 178 -0.83 15.01 -10.89
CA ARG A 178 -1.55 13.75 -10.98
C ARG A 178 -1.96 13.22 -9.62
N ASP A 179 -2.81 12.17 -9.71
CA ASP A 179 -3.16 11.24 -8.63
C ASP A 179 -4.05 11.86 -7.54
N PRO A 180 -5.19 12.47 -7.92
CA PRO A 180 -6.02 13.19 -6.95
C PRO A 180 -6.74 12.26 -5.99
N LYS A 181 -6.62 12.58 -4.70
CA LYS A 181 -7.37 11.88 -3.65
C LYS A 181 -8.34 12.88 -3.03
N VAL A 182 -9.63 12.58 -3.09
CA VAL A 182 -10.66 13.54 -2.71
C VAL A 182 -11.40 13.11 -1.45
N PHE A 183 -11.66 14.05 -0.56
CA PHE A 183 -12.44 13.75 0.64
C PHE A 183 -13.26 14.98 1.05
N TRP A 184 -14.31 14.76 1.81
CA TRP A 184 -15.14 15.85 2.31
C TRP A 184 -14.60 16.39 3.61
N TYR A 185 -14.49 17.73 3.70
CA TYR A 185 -14.01 18.39 4.90
C TYR A 185 -15.10 19.27 5.47
N ASP A 186 -15.21 19.30 6.80
CA ASP A 186 -16.08 20.25 7.50
C ASP A 186 -15.27 20.90 8.61
N GLY A 187 -15.20 22.21 8.62
CA GLY A 187 -14.45 22.90 9.67
C GLY A 187 -14.69 24.38 9.58
N GLY A 188 -13.89 25.14 10.33
CA GLY A 188 -14.04 26.57 10.35
C GLY A 188 -13.89 27.21 8.99
N ALA A 189 -13.04 26.63 8.14
CA ALA A 189 -12.84 27.23 6.82
C ALA A 189 -14.05 27.06 5.92
N GLY A 190 -14.89 26.08 6.18
CA GLY A 190 -16.02 25.78 5.33
C GLY A 190 -16.29 24.29 5.31
N SER A 191 -17.23 23.91 4.45
CA SER A 191 -17.58 22.50 4.22
C SER A 191 -17.50 22.29 2.73
N TYR A 192 -16.55 21.46 2.28
CA TYR A 192 -16.26 21.36 0.85
C TYR A 192 -15.45 20.10 0.61
N TRP A 193 -15.39 19.72 -0.67
CA TRP A 193 -14.45 18.67 -1.07
C TRP A 193 -13.02 19.21 -1.08
N VAL A 194 -12.08 18.36 -0.65
CA VAL A 194 -10.66 18.68 -0.74
C VAL A 194 -10.02 17.63 -1.65
N MET A 195 -9.17 18.10 -2.56
CA MET A 195 -8.31 17.25 -3.36
C MET A 195 -6.88 17.36 -2.90
N VAL A 196 -6.23 16.23 -2.64
N VAL A 196 -6.24 16.22 -2.78
CA VAL A 196 -4.77 16.19 -2.51
CA VAL A 196 -4.81 16.15 -2.49
C VAL A 196 -4.22 15.52 -3.76
C VAL A 196 -4.16 15.48 -3.71
N ALA A 197 -3.29 16.20 -4.40
CA ALA A 197 -2.70 15.67 -5.63
C ALA A 197 -1.21 16.00 -5.57
N VAL A 198 -0.43 15.53 -6.53
CA VAL A 198 0.98 15.88 -6.57
C VAL A 198 1.31 16.71 -7.80
N GLU A 199 2.31 17.57 -7.63
CA GLU A 199 3.19 17.97 -8.74
C GLU A 199 4.39 17.05 -8.61
N ALA A 200 4.35 15.93 -9.35
CA ALA A 200 5.24 14.82 -9.01
C ALA A 200 6.71 15.22 -9.13
N VAL A 201 7.07 15.92 -10.21
CA VAL A 201 8.46 16.31 -10.44
C VAL A 201 8.91 17.37 -9.44
N GLN A 202 8.01 18.23 -8.98
CA GLN A 202 8.34 19.22 -7.95
C GLN A 202 8.47 18.60 -6.57
N ARG A 203 8.07 17.34 -6.40
N ARG A 203 8.09 17.33 -6.39
CA ARG A 203 8.04 16.71 -5.09
CA ARG A 203 8.08 16.72 -5.05
C ARG A 203 7.23 17.54 -4.10
C ARG A 203 7.23 17.55 -4.09
N GLN A 204 6.03 17.91 -4.55
CA GLN A 204 5.11 18.66 -3.70
C GLN A 204 3.71 18.08 -3.82
N VAL A 205 2.94 18.22 -2.74
CA VAL A 205 1.51 17.96 -2.75
C VAL A 205 0.80 19.30 -2.95
N VAL A 206 -0.18 19.34 -3.84
CA VAL A 206 -1.04 20.52 -4.01
C VAL A 206 -2.42 20.17 -3.52
N LEU A 207 -3.02 21.09 -2.77
N LEU A 207 -3.02 21.10 -2.79
CA LEU A 207 -4.35 20.93 -2.20
CA LEU A 207 -4.35 20.90 -2.22
C LEU A 207 -5.30 21.90 -2.88
C LEU A 207 -5.30 21.89 -2.84
N TYR A 208 -6.51 21.42 -3.19
CA TYR A 208 -7.55 22.24 -3.81
C TYR A 208 -8.87 21.95 -3.12
N LYS A 209 -9.82 22.90 -3.18
CA LYS A 209 -11.18 22.69 -2.69
C LYS A 209 -12.19 22.90 -3.79
N SER A 210 -13.36 22.29 -3.60
CA SER A 210 -14.47 22.49 -4.55
C SER A 210 -15.78 22.21 -3.83
N ALA A 211 -16.85 22.94 -4.23
CA ALA A 211 -18.19 22.64 -3.77
C ALA A 211 -18.85 21.51 -4.58
N ASP A 212 -18.37 21.25 -5.82
CA ASP A 212 -19.16 20.48 -6.76
C ASP A 212 -18.34 19.47 -7.55
N LEU A 213 -17.07 19.28 -7.21
CA LEU A 213 -16.13 18.36 -7.88
C LEU A 213 -15.71 18.86 -9.26
N LYS A 214 -16.22 20.02 -9.71
N LYS A 214 -16.22 20.01 -9.71
CA LYS A 214 -15.94 20.52 -11.05
CA LYS A 214 -15.94 20.52 -11.04
C LYS A 214 -15.11 21.79 -11.05
C LYS A 214 -15.10 21.77 -11.02
N ALA A 215 -15.49 22.75 -10.21
CA ALA A 215 -14.74 24.01 -10.11
C ALA A 215 -13.87 23.93 -8.86
N TRP A 216 -12.56 24.01 -9.03
CA TRP A 216 -11.60 23.81 -7.94
C TRP A 216 -10.81 25.10 -7.71
N GLU A 217 -10.44 25.33 -6.46
CA GLU A 217 -9.68 26.52 -6.07
C GLU A 217 -8.48 26.08 -5.25
N HIS A 218 -7.30 26.62 -5.55
CA HIS A 218 -6.09 26.20 -4.86
C HIS A 218 -6.15 26.61 -3.39
N LEU A 219 -5.79 25.68 -2.51
CA LEU A 219 -5.70 25.93 -1.07
C LEU A 219 -4.26 26.19 -0.65
N SER A 220 -3.35 25.26 -0.94
CA SER A 220 -1.99 25.33 -0.40
C SER A 220 -1.15 24.29 -1.11
N THR A 221 0.16 24.35 -0.85
CA THR A 221 1.15 23.44 -1.40
C THR A 221 2.06 23.00 -0.26
N PHE A 222 2.25 21.68 -0.14
CA PHE A 222 3.05 21.09 0.93
C PHE A 222 4.32 20.49 0.34
N GLY A 223 5.44 20.67 1.03
CA GLY A 223 6.67 19.99 0.67
C GLY A 223 7.51 20.86 -0.25
N PRO A 224 8.65 20.31 -0.72
CA PRO A 224 9.13 18.94 -0.40
C PRO A 224 9.57 18.87 1.04
N ALA A 225 9.56 17.66 1.60
CA ALA A 225 10.02 17.43 2.96
C ALA A 225 10.25 15.93 3.10
N ASN A 226 11.07 15.55 4.10
CA ASN A 226 11.40 14.13 4.35
C ASN A 226 11.90 13.49 3.06
N ALA A 227 11.39 12.31 2.66
CA ALA A 227 11.98 11.64 1.51
C ALA A 227 11.64 12.37 0.21
N THR A 228 12.69 12.66 -0.58
CA THR A 228 12.48 13.41 -1.81
C THR A 228 13.31 12.84 -2.95
N GLY A 229 13.92 11.66 -2.78
CA GLY A 229 14.78 11.11 -3.84
C GLY A 229 14.07 10.36 -4.95
N GLY A 230 12.88 10.80 -5.30
CA GLY A 230 12.13 10.30 -6.43
C GLY A 230 10.92 11.20 -6.56
N VAL A 231 10.18 10.99 -7.65
CA VAL A 231 8.96 11.79 -7.83
C VAL A 231 7.93 11.43 -6.77
N TRP A 232 7.18 12.44 -6.31
CA TRP A 232 6.08 12.20 -5.38
C TRP A 232 4.85 11.76 -6.16
N GLU A 233 4.12 10.79 -5.59
CA GLU A 233 2.95 10.20 -6.24
C GLU A 233 1.89 9.83 -5.22
N CYS A 234 0.69 9.58 -5.71
CA CYS A 234 -0.36 8.86 -4.98
C CYS A 234 -0.47 9.32 -3.52
N PRO A 235 -0.85 10.57 -3.29
CA PRO A 235 -0.99 11.06 -1.91
C PRO A 235 -2.37 10.70 -1.32
N ASP A 236 -2.49 10.92 -0.02
CA ASP A 236 -3.77 10.74 0.68
C ASP A 236 -3.67 11.59 1.94
N LEU A 237 -4.83 11.93 2.51
CA LEU A 237 -4.86 12.76 3.72
C LEU A 237 -6.12 12.42 4.49
N PHE A 238 -5.97 12.02 5.77
CA PHE A 238 -7.11 11.62 6.55
C PHE A 238 -6.80 11.77 8.04
N GLU A 239 -7.85 11.76 8.82
CA GLU A 239 -7.78 12.02 10.26
C GLU A 239 -7.99 10.72 11.01
N LEU A 240 -7.18 10.50 12.05
CA LEU A 240 -7.25 9.26 12.84
C LEU A 240 -7.15 9.57 14.32
N PRO A 241 -7.86 8.81 15.15
CA PRO A 241 -7.68 8.92 16.61
C PRO A 241 -6.41 8.22 17.03
N VAL A 242 -5.86 8.70 18.13
CA VAL A 242 -4.65 8.11 18.69
C VAL A 242 -5.04 7.16 19.81
N ASP A 243 -4.64 5.89 19.67
CA ASP A 243 -4.86 4.88 20.71
C ASP A 243 -6.33 4.79 21.09
N GLY A 244 -7.18 4.93 20.08
CA GLY A 244 -8.61 4.79 20.27
C GLY A 244 -9.25 5.89 21.08
N ASN A 245 -8.62 7.08 21.18
CA ASN A 245 -9.22 8.19 21.89
C ASN A 245 -9.78 9.14 20.85
N PRO A 246 -11.10 9.23 20.68
CA PRO A 246 -11.67 10.11 19.67
C PRO A 246 -11.46 11.60 19.96
N GLU A 247 -11.01 11.95 21.16
CA GLU A 247 -10.70 13.35 21.46
C GLU A 247 -9.29 13.74 21.01
N ASP A 248 -8.45 12.78 20.63
CA ASP A 248 -7.02 13.02 20.40
C ASP A 248 -6.69 12.52 19.01
N ASN A 249 -6.85 13.37 18.03
CA ASN A 249 -6.69 13.01 16.64
C ASN A 249 -5.45 13.65 16.04
N ARG A 250 -4.95 13.04 14.97
CA ARG A 250 -4.01 13.71 14.09
C ARG A 250 -4.44 13.49 12.67
N TRP A 251 -3.95 14.36 11.79
CA TRP A 251 -4.06 14.12 10.35
C TRP A 251 -2.79 13.43 9.86
N VAL A 252 -2.98 12.51 8.94
CA VAL A 252 -1.91 11.75 8.31
C VAL A 252 -1.89 12.12 6.84
N LEU A 253 -0.73 12.57 6.35
CA LEU A 253 -0.51 12.80 4.92
C LEU A 253 0.34 11.65 4.38
N ILE A 254 -0.20 10.94 3.40
CA ILE A 254 0.51 9.87 2.71
C ILE A 254 1.17 10.45 1.47
N VAL A 255 2.44 10.13 1.25
CA VAL A 255 3.11 10.51 0.01
C VAL A 255 3.89 9.30 -0.47
N ASN A 256 3.60 8.81 -1.68
CA ASN A 256 4.39 7.73 -2.26
C ASN A 256 5.51 8.34 -3.09
N ILE A 257 6.60 7.57 -3.28
CA ILE A 257 7.77 8.12 -3.95
C ILE A 257 8.41 7.05 -4.83
N ASN A 258 8.92 7.47 -5.99
CA ASN A 258 9.66 6.55 -6.81
C ASN A 258 10.79 7.23 -7.57
N PRO A 259 12.03 6.78 -7.45
CA PRO A 259 12.55 5.81 -6.46
C PRO A 259 12.67 6.56 -5.11
N GLY A 260 13.72 6.28 -4.33
CA GLY A 260 13.93 7.04 -3.12
C GLY A 260 13.46 6.39 -1.84
N GLY A 261 12.98 5.16 -1.88
CA GLY A 261 12.55 4.48 -0.67
C GLY A 261 13.71 3.98 0.17
N ILE A 262 13.41 3.80 1.46
CA ILE A 262 14.41 3.30 2.42
C ILE A 262 15.11 2.04 1.93
N ALA A 263 14.37 1.12 1.29
CA ALA A 263 14.93 -0.17 0.91
C ALA A 263 15.46 -0.17 -0.52
N GLY A 264 15.28 0.92 -1.27
CA GLY A 264 15.73 1.01 -2.67
C GLY A 264 14.55 0.91 -3.60
N GLY A 265 14.36 1.91 -4.46
CA GLY A 265 13.24 1.91 -5.40
C GLY A 265 12.02 2.55 -4.79
N SER A 266 10.84 2.14 -5.27
CA SER A 266 9.58 2.80 -4.89
C SER A 266 9.13 2.43 -3.47
N ALA A 267 8.43 3.37 -2.82
CA ALA A 267 7.99 3.16 -1.45
C ALA A 267 6.93 4.19 -1.07
N GLY A 268 6.29 3.95 0.07
CA GLY A 268 5.37 4.94 0.65
C GLY A 268 5.93 5.54 1.92
N GLN A 269 5.70 6.84 2.10
CA GLN A 269 6.02 7.52 3.36
C GLN A 269 4.78 8.24 3.88
N TYR A 270 4.88 8.75 5.10
CA TYR A 270 3.78 9.49 5.71
C TYR A 270 4.31 10.56 6.64
N PHE A 271 3.43 11.51 6.92
CA PHE A 271 3.67 12.60 7.87
C PHE A 271 2.48 12.66 8.81
N VAL A 272 2.73 13.04 10.07
CA VAL A 272 1.68 13.18 11.08
C VAL A 272 1.62 14.64 11.48
N GLY A 273 0.42 15.21 11.53
CA GLY A 273 0.30 16.62 11.87
C GLY A 273 -1.15 17.05 11.94
N GLU A 274 -1.43 18.27 11.51
CA GLU A 274 -2.77 18.84 11.60
C GLU A 274 -3.13 19.50 10.27
N PHE A 275 -4.38 19.44 9.90
CA PHE A 275 -4.87 20.07 8.68
C PHE A 275 -5.90 21.08 9.13
N ASP A 276 -5.72 22.34 8.69
CA ASP A 276 -6.57 23.44 9.17
C ASP A 276 -7.71 23.78 8.21
N GLY A 277 -7.99 22.92 7.22
CA GLY A 277 -8.95 23.20 6.18
C GLY A 277 -8.33 23.78 4.93
N VAL A 278 -7.10 24.27 5.06
CA VAL A 278 -6.40 24.88 3.94
C VAL A 278 -5.03 24.25 3.74
N ALA A 279 -4.24 24.16 4.81
CA ALA A 279 -2.89 23.61 4.75
C ALA A 279 -2.69 22.50 5.78
N PHE A 280 -1.81 21.58 5.43
CA PHE A 280 -1.32 20.55 6.33
C PHE A 280 -0.06 21.06 7.04
N HIS A 281 -0.06 20.98 8.37
CA HIS A 281 1.07 21.37 9.21
C HIS A 281 1.69 20.12 9.77
N SER A 282 2.87 19.75 9.29
CA SER A 282 3.48 18.50 9.72
C SER A 282 4.10 18.65 11.08
N GLY A 283 3.87 17.68 11.96
CA GLY A 283 4.57 17.57 13.23
C GLY A 283 5.67 16.52 13.21
N SER A 284 5.95 15.90 12.07
CA SER A 284 6.93 14.83 11.96
C SER A 284 7.93 15.09 10.85
N THR A 285 8.10 16.32 10.41
CA THR A 285 9.13 16.62 9.43
C THR A 285 10.49 16.58 10.07
N VAL A 286 11.38 15.81 9.47
CA VAL A 286 12.75 15.64 9.91
C VAL A 286 13.67 16.55 9.13
N THR A 287 13.49 16.61 7.80
CA THR A 287 14.22 17.56 6.96
C THR A 287 13.22 18.32 6.10
N GLU A 288 13.36 19.64 6.04
CA GLU A 288 12.48 20.48 5.26
C GLU A 288 13.13 20.74 3.91
N GLY A 289 12.32 20.79 2.84
CA GLY A 289 12.88 20.98 1.51
C GLY A 289 13.40 19.68 0.93
N LEU A 290 14.07 19.79 -0.21
CA LEU A 290 14.69 18.61 -0.82
C LEU A 290 15.79 18.07 0.09
N GLN A 291 15.92 16.74 0.16
CA GLN A 291 16.99 16.18 1.00
C GLN A 291 18.34 16.73 0.59
N LYS A 292 19.20 16.90 1.58
CA LYS A 292 20.57 17.29 1.30
C LYS A 292 21.47 16.07 1.12
N ASP A 293 21.12 14.95 1.73
CA ASP A 293 21.89 13.71 1.67
C ASP A 293 21.00 12.58 2.18
N SER A 294 21.57 11.39 2.36
CA SER A 294 20.85 10.19 2.79
C SER A 294 20.86 10.02 4.30
N SER A 295 21.41 10.98 5.03
CA SER A 295 21.76 10.73 6.43
C SER A 295 20.55 10.57 7.35
N ARG A 296 19.38 11.08 6.97
CA ARG A 296 18.22 11.03 7.85
C ARG A 296 17.17 10.03 7.37
N MET A 297 17.50 9.22 6.36
CA MET A 297 16.49 8.39 5.73
C MET A 297 15.78 7.46 6.71
N ARG A 298 16.50 6.87 7.69
CA ARG A 298 15.85 5.96 8.63
C ARG A 298 14.89 6.65 9.57
N GLU A 299 14.92 7.98 9.63
CA GLU A 299 14.04 8.74 10.50
C GLU A 299 12.75 9.15 9.80
N TYR A 300 12.66 9.02 8.48
CA TYR A 300 11.44 9.42 7.78
C TYR A 300 10.34 8.40 8.10
N GLY A 301 9.08 8.80 7.84
CA GLY A 301 7.98 7.93 8.22
C GLY A 301 7.67 6.93 7.11
N TRP A 302 8.15 5.73 7.14
CA TRP A 302 7.91 4.76 6.07
C TRP A 302 6.64 3.95 6.34
N LEU A 303 5.84 3.71 5.30
CA LEU A 303 4.68 2.85 5.44
C LEU A 303 5.08 1.39 5.53
N ASP A 304 6.24 1.03 4.99
CA ASP A 304 6.71 -0.34 4.95
C ASP A 304 8.20 -0.24 4.78
N TRP A 305 8.92 -1.29 5.19
CA TRP A 305 10.36 -1.31 5.10
C TRP A 305 10.86 -2.27 4.04
N GLY A 306 9.95 -2.90 3.30
CA GLY A 306 10.31 -3.81 2.23
C GLY A 306 10.34 -3.14 0.87
N ARG A 307 10.59 -3.97 -0.14
CA ARG A 307 10.74 -3.46 -1.50
C ARG A 307 9.43 -3.29 -2.23
N ASP A 308 8.34 -3.96 -1.80
CA ASP A 308 7.16 -4.17 -2.66
C ASP A 308 5.88 -3.68 -2.02
N TYR A 309 5.85 -2.41 -1.60
CA TYR A 309 4.60 -1.82 -1.07
C TYR A 309 4.53 -0.39 -1.57
N TYR A 310 3.85 -0.20 -2.70
CA TYR A 310 3.89 1.09 -3.37
C TYR A 310 2.49 1.58 -3.68
N ALA A 311 2.35 2.91 -3.74
CA ALA A 311 1.10 3.54 -4.20
C ALA A 311 -0.05 3.29 -3.24
N ALA A 312 0.24 2.99 -1.98
CA ALA A 312 -0.83 2.71 -1.04
C ALA A 312 -1.65 3.95 -0.77
N VAL A 313 -2.97 3.75 -0.81
CA VAL A 313 -3.96 4.80 -0.58
C VAL A 313 -5.15 4.16 0.12
N SER A 314 -6.12 4.97 0.55
CA SER A 314 -7.20 4.47 1.40
C SER A 314 -8.56 4.45 0.71
N PHE A 315 -9.47 3.70 1.33
CA PHE A 315 -10.88 3.61 0.92
C PHE A 315 -11.68 4.80 1.43
N SER A 316 -12.48 5.38 0.54
CA SER A 316 -13.45 6.41 0.87
C SER A 316 -14.77 5.77 1.29
N ASN A 317 -15.53 6.51 2.10
CA ASN A 317 -16.92 6.18 2.47
C ASN A 317 -17.03 4.93 3.34
N VAL A 318 -15.99 4.60 4.11
CA VAL A 318 -16.04 3.49 5.05
C VAL A 318 -16.60 4.06 6.37
N PRO A 319 -17.57 3.47 6.97
CA PRO A 319 -18.20 4.13 8.14
C PRO A 319 -17.28 4.29 9.37
N ASP A 320 -17.62 5.31 10.18
CA ASP A 320 -17.05 5.51 11.52
C ASP A 320 -15.55 5.72 11.51
N GLY A 321 -15.05 6.38 10.46
CA GLY A 321 -13.65 6.72 10.46
C GLY A 321 -12.69 5.56 10.25
N ARG A 322 -13.17 4.31 10.03
CA ARG A 322 -12.22 3.19 9.83
C ARG A 322 -11.41 3.39 8.57
N ARG A 323 -10.10 3.21 8.71
CA ARG A 323 -9.17 3.58 7.65
C ARG A 323 -8.50 2.33 7.11
N ILE A 324 -8.78 2.01 5.85
N ILE A 324 -8.80 1.98 5.86
CA ILE A 324 -8.30 0.79 5.18
CA ILE A 324 -8.29 0.77 5.21
C ILE A 324 -7.45 1.21 3.99
C ILE A 324 -7.46 1.19 4.00
N MET A 325 -6.25 0.65 3.89
CA MET A 325 -5.37 0.94 2.77
C MET A 325 -5.01 -0.34 2.03
N ILE A 326 -4.63 -0.19 0.78
N ILE A 326 -4.70 -0.22 0.74
CA ILE A 326 -4.06 -1.32 0.06
CA ILE A 326 -4.14 -1.31 -0.07
C ILE A 326 -3.00 -0.74 -0.87
C ILE A 326 -2.99 -0.73 -0.88
N GLY A 327 -1.94 -1.53 -1.13
CA GLY A 327 -0.84 -1.10 -1.97
C GLY A 327 -0.67 -2.02 -3.17
N TRP A 328 0.10 -1.54 -4.14
CA TRP A 328 0.60 -2.36 -5.23
C TRP A 328 1.83 -3.11 -4.73
N MET A 329 1.81 -4.45 -4.79
CA MET A 329 2.87 -5.26 -4.19
C MET A 329 3.98 -5.54 -5.21
N ASN A 330 4.65 -4.48 -5.65
CA ASN A 330 5.76 -4.59 -6.59
C ASN A 330 6.57 -3.31 -6.48
N ASN A 331 7.62 -3.21 -7.28
CA ASN A 331 8.56 -2.10 -7.21
C ASN A 331 8.89 -1.69 -8.64
N TRP A 332 8.85 -0.38 -8.91
CA TRP A 332 9.19 0.08 -10.26
C TRP A 332 10.60 -0.30 -10.69
N ASP A 333 11.50 -0.63 -9.75
CA ASP A 333 12.85 -1.06 -10.16
C ASP A 333 12.81 -2.25 -11.13
N TYR A 334 11.84 -3.16 -10.94
CA TYR A 334 11.88 -4.45 -11.63
C TYR A 334 10.49 -4.99 -11.93
N ALA A 335 9.42 -4.26 -11.73
CA ALA A 335 8.08 -4.86 -11.89
C ALA A 335 7.92 -5.49 -13.26
N ARG A 336 8.38 -4.79 -14.30
CA ARG A 336 8.25 -5.29 -15.67
C ARG A 336 8.84 -6.68 -15.88
N GLU A 337 9.89 -7.02 -15.14
CA GLU A 337 10.59 -8.28 -15.33
C GLU A 337 10.12 -9.37 -14.38
N THR A 338 9.19 -9.09 -13.47
CA THR A 338 8.78 -10.12 -12.54
C THR A 338 8.15 -11.28 -13.32
N PRO A 339 8.53 -12.52 -13.01
CA PRO A 339 8.36 -13.60 -14.01
C PRO A 339 7.03 -14.34 -13.87
N THR A 340 5.94 -13.63 -14.09
CA THR A 340 4.60 -14.18 -13.82
C THR A 340 3.77 -14.44 -15.08
N GLY A 341 4.35 -14.35 -16.28
CA GLY A 341 3.69 -14.84 -17.48
C GLY A 341 2.57 -13.93 -17.96
N GLY A 342 1.35 -14.45 -18.01
CA GLY A 342 0.27 -13.72 -18.67
C GLY A 342 -0.33 -12.59 -17.87
N TRP A 343 -0.05 -12.52 -16.57
CA TRP A 343 -0.50 -11.40 -15.73
C TRP A 343 0.76 -10.80 -15.12
N ARG A 344 0.66 -9.55 -14.68
N ARG A 344 0.67 -9.54 -14.72
CA ARG A 344 1.79 -8.92 -14.01
CA ARG A 344 1.78 -8.87 -14.03
C ARG A 344 1.23 -8.14 -12.84
C ARG A 344 1.22 -8.13 -12.83
N SER A 345 1.76 -8.46 -11.65
CA SER A 345 1.55 -7.83 -10.34
C SER A 345 0.27 -8.22 -9.62
N ALA A 346 0.41 -8.14 -8.31
CA ALA A 346 -0.68 -8.34 -7.36
C ALA A 346 -0.79 -7.12 -6.45
N MET A 347 -1.92 -7.01 -5.76
CA MET A 347 -2.06 -6.07 -4.66
C MET A 347 -1.59 -6.70 -3.36
N SER A 348 -1.18 -5.84 -2.42
CA SER A 348 -0.90 -6.30 -1.05
C SER A 348 -2.18 -6.80 -0.37
N LEU A 349 -2.02 -7.38 0.81
CA LEU A 349 -3.20 -7.50 1.68
C LEU A 349 -3.70 -6.12 2.05
N PRO A 350 -5.01 -5.94 2.19
CA PRO A 350 -5.51 -4.67 2.75
C PRO A 350 -5.10 -4.56 4.21
N ARG A 351 -4.96 -3.32 4.69
CA ARG A 351 -4.52 -3.07 6.04
C ARG A 351 -5.47 -2.13 6.72
N GLU A 352 -5.74 -2.39 8.01
CA GLU A 352 -6.38 -1.39 8.83
C GLU A 352 -5.30 -0.53 9.47
N VAL A 353 -5.42 0.76 9.32
CA VAL A 353 -4.41 1.71 9.72
C VAL A 353 -4.95 2.55 10.86
N SER A 354 -4.09 2.80 11.85
CA SER A 354 -4.50 3.53 13.05
C SER A 354 -3.29 4.29 13.58
N LEU A 355 -3.50 5.13 14.58
CA LEU A 355 -2.40 5.81 15.25
C LEU A 355 -2.23 5.33 16.67
N THR A 356 -0.98 5.31 17.13
CA THR A 356 -0.66 4.86 18.45
C THR A 356 0.47 5.73 18.96
N ARG A 357 0.57 5.84 20.26
CA ARG A 357 1.64 6.55 20.90
C ARG A 357 2.41 5.51 21.68
N VAL A 358 3.69 5.36 21.38
CA VAL A 358 4.53 4.71 22.38
C VAL A 358 5.73 5.57 22.70
N ASP A 359 5.99 5.72 24.00
CA ASP A 359 7.01 6.64 24.52
C ASP A 359 6.85 8.03 23.93
N GLY A 360 5.59 8.47 23.85
CA GLY A 360 5.27 9.85 23.55
C GLY A 360 5.24 10.26 22.09
N LYS A 361 5.61 9.39 21.15
CA LYS A 361 5.65 9.76 19.74
C LYS A 361 4.49 9.08 19.02
N VAL A 362 3.68 9.86 18.30
CA VAL A 362 2.55 9.31 17.56
C VAL A 362 3.07 8.70 16.27
N MET A 363 2.70 7.45 16.02
CA MET A 363 3.14 6.74 14.83
C MET A 363 2.01 5.85 14.31
N LEU A 364 2.18 5.45 13.08
CA LEU A 364 1.17 4.63 12.42
C LEU A 364 1.28 3.18 12.86
N ARG A 365 0.14 2.54 13.08
CA ARG A 365 0.04 1.10 13.29
C ARG A 365 -0.77 0.54 12.13
N GLN A 366 -0.33 -0.61 11.60
CA GLN A 366 -0.97 -1.16 10.40
C GLN A 366 -1.08 -2.67 10.59
N GLN A 367 -2.30 -3.20 10.43
CA GLN A 367 -2.49 -4.64 10.57
C GLN A 367 -3.30 -5.16 9.40
N ALA A 368 -2.90 -6.31 8.87
CA ALA A 368 -3.60 -6.88 7.73
C ALA A 368 -5.02 -7.24 8.12
N ILE A 369 -5.93 -7.08 7.15
CA ILE A 369 -7.25 -7.72 7.23
C ILE A 369 -7.03 -9.19 6.90
N ASP A 370 -7.37 -10.07 7.83
CA ASP A 370 -6.80 -11.42 7.75
C ASP A 370 -7.60 -12.31 6.79
N PRO A 371 -6.94 -12.97 5.84
CA PRO A 371 -7.61 -13.83 4.86
C PRO A 371 -7.66 -15.29 5.27
N LEU A 372 -7.23 -15.67 6.47
CA LEU A 372 -7.08 -17.09 6.84
C LEU A 372 -7.74 -17.35 8.19
N PRO A 373 -9.08 -17.38 8.24
CA PRO A 373 -9.78 -17.63 9.50
C PRO A 373 -9.56 -19.04 10.06
N GLU A 374 -9.86 -19.15 11.37
CA GLU A 374 -9.59 -20.39 12.10
C GLU A 374 -10.49 -21.53 11.62
N ARG A 375 -11.79 -21.27 11.44
CA ARG A 375 -12.75 -22.35 11.15
C ARG A 375 -12.37 -23.11 9.89
N GLU A 376 -11.92 -22.40 8.86
CA GLU A 376 -11.71 -22.95 7.53
C GLU A 376 -10.34 -23.57 7.32
N THR A 377 -9.35 -23.20 8.14
CA THR A 377 -7.96 -23.55 7.94
C THR A 377 -7.50 -24.62 8.93
N GLY A 378 -6.50 -25.39 8.52
CA GLY A 378 -5.83 -26.31 9.43
C GLY A 378 -4.72 -25.55 10.14
N HIS A 379 -4.38 -26.01 11.34
CA HIS A 379 -3.54 -25.25 12.24
C HIS A 379 -2.53 -26.18 12.90
N VAL A 380 -1.29 -25.71 13.02
CA VAL A 380 -0.25 -26.43 13.73
C VAL A 380 0.37 -25.51 14.75
N ARG A 381 0.49 -25.98 15.98
CA ARG A 381 1.13 -25.25 17.06
C ARG A 381 2.44 -25.92 17.43
N LEU A 382 3.50 -25.11 17.63
CA LEU A 382 4.66 -25.51 18.43
C LEU A 382 4.64 -24.72 19.73
N GLY A 383 4.57 -25.44 20.87
CA GLY A 383 4.43 -24.86 22.19
C GLY A 383 5.74 -24.31 22.68
N PRO A 384 5.69 -23.74 23.88
CA PRO A 384 6.89 -23.09 24.42
C PRO A 384 8.01 -24.08 24.59
N GLN A 385 9.22 -23.65 24.22
CA GLN A 385 10.40 -24.49 24.43
C GLN A 385 11.63 -23.62 24.29
N PRO A 386 12.73 -24.04 24.90
CA PRO A 386 14.01 -23.38 24.59
C PRO A 386 14.40 -23.71 23.16
N LEU A 387 15.13 -22.78 22.54
CA LEU A 387 15.69 -23.02 21.21
C LEU A 387 17.17 -23.33 21.33
N ALA A 388 17.58 -24.49 20.83
CA ALA A 388 18.99 -24.75 20.68
C ALA A 388 19.60 -23.84 19.62
N SER A 389 20.92 -23.65 19.70
CA SER A 389 21.62 -23.03 18.58
C SER A 389 21.50 -23.93 17.36
N GLY A 390 20.81 -23.48 16.35
CA GLY A 390 20.60 -24.25 15.13
C GLY A 390 19.16 -24.13 14.66
N VAL A 391 18.75 -25.07 13.82
CA VAL A 391 17.51 -25.01 13.07
C VAL A 391 16.52 -26.00 13.67
N LEU A 392 15.31 -25.55 13.98
CA LEU A 392 14.20 -26.39 14.44
C LEU A 392 13.16 -26.47 13.33
N ASP A 393 13.00 -27.64 12.69
CA ASP A 393 12.04 -27.75 11.59
C ASP A 393 10.61 -27.70 12.12
N VAL A 394 9.73 -27.07 11.38
CA VAL A 394 8.31 -26.99 11.72
C VAL A 394 7.58 -28.01 10.86
N PRO A 395 6.73 -28.91 11.46
CA PRO A 395 6.07 -29.96 10.64
C PRO A 395 4.81 -29.45 9.96
N ALA A 396 5.06 -28.71 8.89
CA ALA A 396 4.05 -28.08 8.09
C ALA A 396 4.77 -27.60 6.84
N ALA A 397 4.27 -27.96 5.67
CA ALA A 397 4.72 -27.30 4.47
C ALA A 397 3.92 -26.02 4.40
N ALA A 398 4.58 -24.91 4.05
CA ALA A 398 3.98 -23.57 4.16
C ALA A 398 4.39 -22.79 2.92
N SER A 399 3.42 -22.58 2.04
CA SER A 399 3.58 -21.59 0.99
C SER A 399 2.39 -20.68 0.83
N VAL A 400 1.23 -21.06 1.33
CA VAL A 400 0.04 -20.22 1.39
C VAL A 400 -0.41 -20.33 2.83
N ALA A 401 0.00 -19.37 3.66
CA ALA A 401 -0.12 -19.61 5.08
C ALA A 401 0.02 -18.31 5.85
N ARG A 402 -0.45 -18.35 7.09
CA ARG A 402 -0.20 -17.29 8.05
C ARG A 402 0.54 -17.91 9.21
N ILE A 403 1.67 -17.32 9.58
CA ILE A 403 2.52 -17.77 10.67
C ILE A 403 2.48 -16.72 11.75
N ASP A 404 2.10 -17.10 12.96
CA ASP A 404 2.22 -16.22 14.09
C ASP A 404 3.28 -16.81 14.99
N VAL A 405 4.27 -16.02 15.36
CA VAL A 405 5.33 -16.53 16.22
C VAL A 405 5.66 -15.49 17.27
N GLU A 406 5.98 -15.96 18.47
CA GLU A 406 6.43 -15.07 19.52
C GLU A 406 7.72 -15.66 20.06
N LEU A 407 8.78 -14.85 20.04
CA LEU A 407 10.14 -15.29 20.35
C LEU A 407 10.68 -14.45 21.49
N GLU A 408 11.47 -15.07 22.36
CA GLU A 408 12.16 -14.32 23.39
C GLU A 408 13.64 -14.49 23.11
N PRO A 409 14.31 -13.53 22.48
CA PRO A 409 15.69 -13.80 22.02
C PRO A 409 16.66 -14.05 23.15
N GLY A 410 16.45 -13.42 24.30
CA GLY A 410 17.36 -13.65 25.40
C GLY A 410 18.80 -13.32 25.05
N ALA A 411 19.71 -14.20 25.46
CA ALA A 411 21.14 -14.00 25.23
C ALA A 411 21.59 -14.45 23.83
N ALA A 412 20.71 -14.97 22.98
CA ALA A 412 21.15 -15.44 21.67
C ALA A 412 21.60 -14.26 20.80
N ALA A 413 22.46 -14.58 19.82
CA ALA A 413 22.92 -13.57 18.86
C ALA A 413 21.88 -13.28 17.79
N GLY A 414 21.00 -14.22 17.52
CA GLY A 414 20.02 -14.04 16.45
C GLY A 414 18.95 -15.10 16.60
N VAL A 415 17.74 -14.79 16.14
CA VAL A 415 16.66 -15.77 16.10
C VAL A 415 15.80 -15.41 14.90
N GLY A 416 15.06 -16.39 14.38
CA GLY A 416 14.14 -16.04 13.31
C GLY A 416 13.54 -17.25 12.64
N LEU A 417 13.08 -17.03 11.41
CA LEU A 417 12.44 -18.06 10.60
C LEU A 417 13.18 -18.27 9.29
N VAL A 418 13.18 -19.51 8.83
CA VAL A 418 13.55 -19.85 7.46
C VAL A 418 12.25 -20.13 6.72
N LEU A 419 11.98 -19.33 5.67
CA LEU A 419 10.74 -19.37 4.93
C LEU A 419 10.97 -19.88 3.52
N ARG A 420 9.97 -20.56 2.97
CA ARG A 420 9.98 -21.00 1.58
C ARG A 420 11.29 -21.73 1.24
N ALA A 421 11.63 -22.73 2.07
CA ALA A 421 12.91 -23.39 1.92
C ALA A 421 12.81 -24.62 1.01
N GLY A 422 13.79 -24.75 0.12
CA GLY A 422 13.90 -25.95 -0.72
C GLY A 422 15.37 -26.19 -0.97
N ASP A 423 15.73 -27.09 -1.90
CA ASP A 423 17.09 -27.61 -1.92
C ASP A 423 18.14 -26.50 -1.95
N ASP A 424 17.94 -25.50 -2.83
CA ASP A 424 18.89 -24.43 -3.10
C ASP A 424 18.25 -23.05 -2.89
N GLU A 425 17.16 -22.97 -2.13
CA GLU A 425 16.38 -21.75 -1.98
C GLU A 425 15.95 -21.58 -0.53
N ARG A 426 15.92 -20.33 -0.08
CA ARG A 426 15.31 -20.01 1.21
C ARG A 426 15.26 -18.49 1.35
N THR A 427 14.33 -18.05 2.18
CA THR A 427 14.15 -16.64 2.51
C THR A 427 14.29 -16.53 4.01
N VAL A 428 15.22 -15.74 4.49
CA VAL A 428 15.59 -15.76 5.91
C VAL A 428 15.09 -14.51 6.58
N LEU A 429 14.29 -14.68 7.63
CA LEU A 429 13.79 -13.57 8.45
C LEU A 429 14.54 -13.64 9.77
N ARG A 430 15.44 -12.68 10.03
CA ARG A 430 16.36 -12.80 11.14
C ARG A 430 16.34 -11.55 12.03
N TYR A 431 16.12 -11.77 13.33
CA TYR A 431 16.25 -10.70 14.32
C TYR A 431 17.66 -10.77 14.92
N ASP A 432 18.37 -9.68 14.80
CA ASP A 432 19.76 -9.56 15.26
C ASP A 432 19.76 -8.84 16.61
N THR A 433 20.13 -9.56 17.67
CA THR A 433 20.09 -8.91 18.98
C THR A 433 21.23 -7.90 19.16
N SER A 434 22.30 -7.98 18.35
CA SER A 434 23.38 -7.01 18.52
C SER A 434 22.94 -5.61 18.09
N ASP A 435 22.04 -5.48 17.11
CA ASP A 435 21.64 -4.15 16.65
C ASP A 435 20.14 -3.91 16.70
N GLY A 436 19.35 -4.88 17.15
CA GLY A 436 17.91 -4.69 17.27
C GLY A 436 17.19 -4.58 15.95
N MET A 437 17.77 -5.09 14.88
CA MET A 437 17.17 -5.02 13.54
C MET A 437 16.58 -6.34 13.13
N LEU A 438 15.42 -6.27 12.51
CA LEU A 438 14.78 -7.40 11.87
C LEU A 438 15.05 -7.27 10.37
N ARG A 439 15.53 -8.36 9.77
CA ARG A 439 15.91 -8.34 8.35
C ARG A 439 15.27 -9.48 7.61
N LEU A 440 14.84 -9.18 6.40
CA LEU A 440 14.37 -10.22 5.47
C LEU A 440 15.36 -10.30 4.32
N ASP A 441 16.03 -11.44 4.18
CA ASP A 441 17.04 -11.65 3.14
C ASP A 441 16.41 -12.53 2.07
N ARG A 442 16.18 -11.96 0.88
CA ARG A 442 15.62 -12.71 -0.23
C ARG A 442 16.65 -12.99 -1.32
N ARG A 443 17.94 -12.83 -1.02
N ARG A 443 17.94 -12.84 -0.99
CA ARG A 443 18.96 -13.01 -2.06
CA ARG A 443 18.99 -13.03 -2.01
C ARG A 443 18.97 -14.43 -2.63
C ARG A 443 18.99 -14.42 -2.61
N GLU A 444 18.61 -15.43 -1.83
CA GLU A 444 18.62 -16.83 -2.26
C GLU A 444 17.22 -17.40 -2.30
N SER A 445 16.21 -16.53 -2.51
CA SER A 445 14.82 -16.93 -2.36
C SER A 445 14.25 -17.71 -3.53
N GLY A 446 14.91 -17.73 -4.68
CA GLY A 446 14.33 -18.34 -5.86
C GLY A 446 14.82 -17.59 -7.10
N GLN A 447 13.89 -17.33 -8.01
N GLN A 447 13.88 -17.31 -7.99
CA GLN A 447 14.30 -16.56 -9.17
CA GLN A 447 14.25 -16.54 -9.17
C GLN A 447 14.65 -15.14 -8.75
C GLN A 447 14.64 -15.12 -8.76
N VAL A 448 15.88 -14.72 -9.04
CA VAL A 448 16.35 -13.38 -8.70
C VAL A 448 17.11 -12.76 -9.85
N ALA A 449 17.43 -13.53 -10.90
CA ALA A 449 18.30 -13.03 -11.98
C ALA A 449 17.55 -12.16 -13.01
N PHE A 450 16.23 -12.05 -12.93
CA PHE A 450 15.49 -11.30 -13.94
C PHE A 450 15.75 -9.81 -13.84
N HIS A 451 16.28 -9.31 -12.70
CA HIS A 451 16.75 -7.93 -12.67
C HIS A 451 17.80 -7.82 -11.58
N GLU A 452 18.89 -7.11 -11.87
CA GLU A 452 20.00 -7.00 -10.92
C GLU A 452 19.58 -6.26 -9.66
N THR A 453 18.50 -5.46 -9.70
CA THR A 453 18.05 -4.77 -8.50
C THR A 453 17.15 -5.62 -7.64
N PHE A 454 16.80 -6.86 -8.06
CA PHE A 454 15.85 -7.65 -7.29
C PHE A 454 16.44 -8.25 -6.01
N PRO A 455 17.54 -9.01 -6.03
CA PRO A 455 18.03 -9.59 -4.77
C PRO A 455 18.39 -8.49 -3.77
N SER A 456 17.99 -8.70 -2.52
CA SER A 456 18.15 -7.64 -1.52
C SER A 456 17.94 -8.21 -0.13
N ILE A 457 18.36 -7.41 0.85
CA ILE A 457 18.10 -7.64 2.26
C ILE A 457 17.46 -6.37 2.80
N GLU A 458 16.26 -6.50 3.37
CA GLU A 458 15.51 -5.35 3.87
C GLU A 458 15.57 -5.35 5.40
N ALA A 459 15.84 -4.19 6.01
CA ALA A 459 16.04 -4.10 7.45
C ALA A 459 15.12 -3.06 8.06
N MET A 460 14.64 -3.35 9.28
CA MET A 460 13.90 -2.36 10.07
C MET A 460 14.21 -2.58 11.55
N ALA A 461 14.35 -1.49 12.29
CA ALA A 461 14.56 -1.57 13.74
C ALA A 461 13.27 -1.99 14.39
N VAL A 462 13.33 -3.00 15.25
CA VAL A 462 12.14 -3.48 15.97
C VAL A 462 12.53 -3.69 17.43
N PRO A 463 12.20 -2.75 18.30
CA PRO A 463 12.46 -2.95 19.73
C PRO A 463 11.64 -4.12 20.26
N LEU A 464 12.24 -4.89 21.17
CA LEU A 464 11.48 -5.91 21.89
C LEU A 464 10.50 -5.25 22.84
N GLN A 465 9.45 -5.99 23.19
N GLN A 465 9.46 -5.99 23.20
CA GLN A 465 8.47 -5.56 24.19
CA GLN A 465 8.45 -5.55 24.17
C GLN A 465 8.34 -6.68 25.21
C GLN A 465 8.29 -6.66 25.20
N GLY A 466 8.53 -6.36 26.48
CA GLY A 466 8.58 -7.43 27.46
C GLY A 466 9.67 -8.45 27.15
N GLY A 467 10.73 -8.05 26.45
CA GLY A 467 11.78 -8.98 26.07
C GLY A 467 11.42 -9.85 24.90
N ARG A 468 10.27 -9.59 24.23
CA ARG A 468 9.79 -10.52 23.23
C ARG A 468 9.52 -9.82 21.90
N LEU A 469 9.51 -10.66 20.86
CA LEU A 469 9.25 -10.24 19.49
C LEU A 469 8.06 -11.04 19.00
N ARG A 470 7.01 -10.34 18.58
CA ARG A 470 5.83 -10.96 18.00
C ARG A 470 5.82 -10.66 16.50
N LEU A 471 5.64 -11.69 15.70
CA LEU A 471 5.59 -11.56 14.24
C LEU A 471 4.35 -12.26 13.73
N ARG A 472 3.70 -11.62 12.77
CA ARG A 472 2.68 -12.26 11.96
C ARG A 472 3.16 -12.19 10.51
N VAL A 473 3.35 -13.35 9.90
CA VAL A 473 3.97 -13.44 8.58
C VAL A 473 2.98 -14.11 7.65
N TYR A 474 2.64 -13.43 6.55
CA TYR A 474 1.81 -14.03 5.52
C TYR A 474 2.67 -14.52 4.37
N LEU A 475 2.55 -15.80 4.04
CA LEU A 475 3.21 -16.35 2.86
C LEU A 475 2.14 -16.61 1.79
N ASP A 476 2.39 -16.12 0.58
CA ASP A 476 1.55 -16.51 -0.56
C ASP A 476 2.50 -16.88 -1.67
N ARG A 477 1.98 -17.31 -2.82
CA ARG A 477 2.83 -18.04 -3.77
C ARG A 477 4.00 -17.21 -4.26
N CYS A 478 3.89 -15.87 -4.26
CA CYS A 478 5.05 -15.03 -4.62
C CYS A 478 5.28 -13.88 -3.65
N SER A 479 5.00 -14.06 -2.34
CA SER A 479 5.17 -12.90 -1.47
C SER A 479 5.36 -13.29 -0.02
N VAL A 480 6.06 -12.41 0.70
CA VAL A 480 6.19 -12.47 2.16
C VAL A 480 5.77 -11.10 2.70
N GLU A 481 4.82 -11.08 3.64
CA GLU A 481 4.45 -9.86 4.34
C GLU A 481 4.67 -10.08 5.83
N VAL A 482 5.53 -9.26 6.43
CA VAL A 482 5.88 -9.36 7.85
C VAL A 482 5.23 -8.20 8.59
N PHE A 483 4.43 -8.51 9.62
CA PHE A 483 3.88 -7.49 10.53
C PHE A 483 4.53 -7.73 11.88
N ALA A 484 5.35 -6.77 12.32
CA ALA A 484 6.06 -6.93 13.59
C ALA A 484 5.40 -6.13 14.70
N GLN A 485 5.41 -6.74 15.89
CA GLN A 485 4.92 -6.06 17.10
C GLN A 485 3.51 -5.51 16.88
N ASP A 486 2.65 -6.34 16.31
CA ASP A 486 1.24 -5.99 16.14
C ASP A 486 1.05 -4.72 15.31
N GLY A 487 1.91 -4.58 14.31
CA GLY A 487 1.71 -3.59 13.27
C GLY A 487 2.51 -2.34 13.41
N LEU A 488 3.48 -2.28 14.34
CA LEU A 488 4.32 -1.10 14.42
C LEU A 488 5.30 -0.99 13.27
N ALA A 489 5.63 -2.11 12.63
CA ALA A 489 6.58 -2.09 11.52
C ALA A 489 6.22 -3.23 10.60
N THR A 490 6.21 -2.96 9.30
CA THR A 490 5.80 -3.94 8.30
C THR A 490 6.91 -4.03 7.25
N LEU A 491 6.99 -5.20 6.62
CA LEU A 491 8.02 -5.43 5.60
C LEU A 491 7.43 -6.35 4.54
N THR A 492 7.32 -5.86 3.31
CA THR A 492 6.65 -6.59 2.22
C THR A 492 7.64 -6.81 1.08
N ASP A 493 7.96 -8.09 0.79
CA ASP A 493 8.85 -8.42 -0.32
C ASP A 493 8.19 -9.51 -1.17
N LEU A 494 8.20 -9.33 -2.49
CA LEU A 494 7.95 -10.44 -3.40
C LEU A 494 9.08 -11.46 -3.28
N VAL A 495 8.75 -12.73 -3.55
CA VAL A 495 9.74 -13.78 -3.74
C VAL A 495 9.20 -14.69 -4.83
N PHE A 496 10.11 -15.39 -5.51
CA PHE A 496 9.74 -16.30 -6.60
C PHE A 496 10.38 -17.66 -6.40
N PRO A 497 9.97 -18.39 -5.35
CA PRO A 497 10.60 -19.69 -5.07
C PRO A 497 9.95 -20.77 -5.92
N GLY A 498 10.60 -21.93 -5.96
CA GLY A 498 10.06 -23.09 -6.64
C GLY A 498 8.88 -23.66 -5.89
N GLU A 499 8.07 -24.42 -6.64
CA GLU A 499 6.90 -25.04 -6.03
C GLU A 499 7.26 -26.00 -4.92
N ALA A 500 8.45 -26.63 -4.99
CA ALA A 500 8.88 -27.54 -3.93
C ALA A 500 9.47 -26.82 -2.73
N SER A 501 9.63 -25.49 -2.77
CA SER A 501 10.27 -24.72 -1.68
C SER A 501 9.23 -24.29 -0.66
N THR A 502 8.78 -25.28 0.13
CA THR A 502 7.71 -25.05 1.10
C THR A 502 8.17 -25.29 2.53
N GLY A 503 9.47 -25.53 2.71
CA GLY A 503 9.97 -25.79 4.05
C GLY A 503 9.86 -24.56 4.95
N LEU A 504 9.60 -24.81 6.22
CA LEU A 504 9.52 -23.79 7.27
C LEU A 504 10.34 -24.26 8.46
N ALA A 505 11.10 -23.35 9.07
CA ALA A 505 11.88 -23.68 10.24
C ALA A 505 12.04 -22.45 11.11
N ILE A 506 12.29 -22.68 12.40
CA ILE A 506 12.73 -21.64 13.32
C ILE A 506 14.21 -21.84 13.52
N PHE A 507 14.96 -20.76 13.75
CA PHE A 507 16.38 -20.91 14.06
C PHE A 507 16.80 -19.96 15.16
N ALA A 508 17.86 -20.35 15.86
CA ALA A 508 18.55 -19.49 16.80
C ALA A 508 20.04 -19.59 16.54
N GLU A 509 20.76 -18.51 16.79
CA GLU A 509 22.22 -18.49 16.71
C GLU A 509 22.73 -18.20 18.10
N GLY A 510 23.41 -19.17 18.70
CA GLY A 510 23.77 -19.09 20.10
C GLY A 510 22.67 -19.64 20.99
N GLU A 511 23.04 -19.89 22.25
CA GLU A 511 22.06 -20.35 23.23
C GLU A 511 21.39 -19.19 23.93
N GLY A 512 20.22 -19.46 24.51
CA GLY A 512 19.54 -18.48 25.36
C GLY A 512 18.16 -18.04 24.88
N ALA A 513 17.79 -18.31 23.63
CA ALA A 513 16.48 -17.89 23.13
C ALA A 513 15.42 -18.91 23.49
N HIS A 514 14.19 -18.45 23.56
CA HIS A 514 13.04 -19.32 23.74
C HIS A 514 12.00 -19.05 22.68
N LEU A 515 11.31 -20.12 22.31
CA LEU A 515 10.08 -20.02 21.55
C LEU A 515 8.94 -19.92 22.55
N VAL A 516 8.17 -18.83 22.47
CA VAL A 516 6.95 -18.74 23.29
C VAL A 516 5.84 -19.53 22.64
N VAL A 517 5.57 -19.27 21.36
CA VAL A 517 4.61 -20.07 20.61
C VAL A 517 4.86 -19.84 19.13
N LEU A 518 4.58 -20.86 18.34
CA LEU A 518 4.45 -20.72 16.89
C LEU A 518 3.13 -21.36 16.46
N ASP A 519 2.35 -20.63 15.68
CA ASP A 519 1.09 -21.12 15.13
C ASP A 519 1.17 -20.93 13.62
N VAL A 520 0.89 -21.97 12.86
CA VAL A 520 0.82 -21.84 11.41
C VAL A 520 -0.56 -22.31 10.96
N VAL A 521 -1.20 -21.52 10.12
CA VAL A 521 -2.53 -21.80 9.59
C VAL A 521 -2.44 -21.75 8.08
N GLY A 522 -2.99 -22.76 7.42
CA GLY A 522 -3.09 -22.79 5.97
C GLY A 522 -4.40 -23.46 5.58
C1 PEG B . -18.97 -3.80 -12.72
O1 PEG B . -19.26 -3.37 -14.05
C2 PEG B . -19.85 -3.99 -11.49
O2 PEG B . -19.41 -3.54 -10.21
C3 PEG B . -20.07 -2.58 -9.41
C4 PEG B . -21.33 -3.08 -8.69
O4 PEG B . -21.08 -3.99 -7.61
C1 PEG C . 18.77 -9.07 -16.14
O1 PEG C . 20.10 -9.38 -16.49
C2 PEG C . 18.15 -7.86 -16.85
O2 PEG C . 18.97 -6.71 -16.80
C3 PEG C . 18.26 -5.50 -16.79
C4 PEG C . 19.15 -4.29 -16.43
O4 PEG C . 20.14 -4.06 -17.42
C1 GOL D . 2.02 14.38 16.54
O1 GOL D . 2.55 15.17 15.49
C2 GOL D . 3.02 14.24 17.68
O2 GOL D . 2.43 14.05 18.97
C3 GOL D . 4.05 13.18 17.30
O3 GOL D . 4.49 12.44 18.40
C1 GOL E . 0.67 5.48 -14.24
O1 GOL E . 0.18 4.14 -14.19
C2 GOL E . 0.57 6.24 -12.93
O2 GOL E . 1.21 5.55 -11.89
C3 GOL E . -0.88 6.57 -12.57
O3 GOL E . -0.97 7.94 -12.25
C1 GOL F . -20.20 14.42 1.24
O1 GOL F . -19.71 13.25 1.90
C2 GOL F . -21.05 15.31 2.14
O2 GOL F . -22.20 14.63 2.64
C3 GOL F . -21.43 16.54 1.33
O3 GOL F . -22.61 16.39 0.52
#